data_2F0Z
#
_entry.id   2F0Z
#
_cell.length_a   85.510
_cell.length_b   85.680
_cell.length_c   92.090
_cell.angle_alpha   90.00
_cell.angle_beta   90.00
_cell.angle_gamma   90.00
#
_symmetry.space_group_name_H-M   'C 2 2 21'
#
loop_
_entity.id
_entity.type
_entity.pdbx_description
1 polymer 'Sialidase 2'
2 non-polymer ZANAMIVIR
3 water water
#
_entity_poly.entity_id   1
_entity_poly.type   'polypeptide(L)'
_entity_poly.pdbx_seq_one_letter_code
;GSMASLPVLQKESVFQSGAHAYRIPALLYLPGQQSLLAFAEQRASKKDEHAELIVLRRGDYDAPTHQVQWQAQEVVAQAR
LDGHRSMNPCPLYDAQTGTLFLFFIAIPGQVTEQQQLQTRANVTRLCQVTSTDHGRTWSSPRDLTDAAIGPAYREWSTFA
VGPGHCLQLNDRARSLVVPAYAYRKLHPIQRPIPSAFCFLSHDHGRTWARGHFVAQDTLECQVAEVETGEQRVVTLNARS
HLRARVQAQSTNDGLDFQESQLVKKLVEPPPQGCQGSVISFPSPRSGPGSPAQWLLYTHPTHSWQRADLGAYLNPRPPAP
EAWSEPVLLAKGSCAYSDLQSMGTGPDGSPLFGCLYEANDYEEIVFLMFTLKQAFPAEYLPQ
;
_entity_poly.pdbx_strand_id   A
#
# COMPACT_ATOMS: atom_id res chain seq x y z
N SER A 5 19.02 6.16 12.87
CA SER A 5 18.81 5.15 11.79
C SER A 5 19.35 3.78 12.18
N LEU A 6 18.60 2.75 11.80
CA LEU A 6 18.92 1.34 12.09
C LEU A 6 19.87 0.74 11.04
N PRO A 7 20.67 -0.26 11.43
CA PRO A 7 21.62 -0.93 10.52
C PRO A 7 20.92 -1.91 9.59
N VAL A 8 20.89 -1.58 8.30
CA VAL A 8 20.21 -2.43 7.33
C VAL A 8 21.15 -3.16 6.36
N LEU A 9 20.56 -3.95 5.47
CA LEU A 9 21.32 -4.71 4.50
C LEU A 9 21.58 -3.87 3.26
N GLN A 10 20.62 -3.04 2.90
CA GLN A 10 20.74 -2.20 1.73
C GLN A 10 19.91 -0.92 1.86
N LYS A 11 20.43 0.13 1.25
CA LYS A 11 19.78 1.44 1.25
C LYS A 11 20.17 2.20 0.00
N GLU A 12 19.49 1.95 -1.11
CA GLU A 12 19.80 2.68 -2.32
C GLU A 12 18.56 3.38 -2.81
N SER A 13 18.72 4.41 -3.63
CA SER A 13 17.58 5.12 -4.15
C SER A 13 17.20 4.49 -5.48
N VAL A 14 15.97 3.99 -5.53
CA VAL A 14 15.44 3.34 -6.72
C VAL A 14 14.90 4.38 -7.70
N PHE A 15 14.40 5.49 -7.14
CA PHE A 15 13.85 6.59 -7.93
C PHE A 15 14.44 7.89 -7.38
N GLN A 16 14.97 8.74 -8.24
CA GLN A 16 15.53 9.99 -7.74
C GLN A 16 15.01 11.15 -8.56
N SER A 17 14.54 12.18 -7.85
CA SER A 17 13.98 13.36 -8.49
C SER A 17 15.03 14.26 -9.09
N GLY A 18 15.45 13.91 -10.31
CA GLY A 18 16.44 14.68 -11.04
C GLY A 18 15.74 15.29 -12.24
N ALA A 19 15.81 14.61 -13.38
CA ALA A 19 15.17 15.10 -14.61
C ALA A 19 13.65 14.94 -14.52
N HIS A 20 13.19 14.31 -13.44
CA HIS A 20 11.76 14.08 -13.22
C HIS A 20 11.48 14.09 -11.70
N ALA A 21 10.20 14.02 -11.31
CA ALA A 21 9.80 14.02 -9.89
C ALA A 21 8.94 12.77 -9.60
N TYR A 22 9.23 12.09 -8.51
CA TYR A 22 8.50 10.87 -8.16
C TYR A 22 7.86 10.83 -6.78
N ARG A 23 6.69 10.21 -6.70
CA ARG A 23 5.97 10.09 -5.45
C ARG A 23 5.02 8.89 -5.43
N ILE A 24 4.52 8.58 -4.24
CA ILE A 24 3.57 7.49 -4.02
C ILE A 24 4.14 6.13 -4.42
N PRO A 25 5.09 5.62 -3.61
CA PRO A 25 5.73 4.33 -3.86
C PRO A 25 4.80 3.11 -3.71
N ALA A 26 5.20 2.00 -4.33
CA ALA A 26 4.44 0.73 -4.27
C ALA A 26 5.44 -0.39 -4.50
N LEU A 27 5.51 -1.33 -3.57
CA LEU A 27 6.47 -2.43 -3.68
C LEU A 27 5.76 -3.78 -3.80
N LEU A 28 6.34 -4.68 -4.57
CA LEU A 28 5.72 -5.99 -4.73
C LEU A 28 6.76 -7.09 -4.91
N TYR A 29 6.72 -8.09 -4.04
CA TYR A 29 7.64 -9.20 -4.09
C TYR A 29 7.12 -10.38 -4.92
N LEU A 30 8.02 -11.06 -5.62
CA LEU A 30 7.69 -12.21 -6.43
C LEU A 30 8.55 -13.33 -5.86
N PRO A 31 8.02 -14.10 -4.91
CA PRO A 31 8.74 -15.20 -4.28
C PRO A 31 9.31 -16.25 -5.24
N GLY A 32 8.65 -16.45 -6.38
CA GLY A 32 9.15 -17.42 -7.33
C GLY A 32 10.52 -17.05 -7.88
N GLN A 33 10.64 -15.81 -8.32
CA GLN A 33 11.88 -15.33 -8.90
C GLN A 33 12.69 -14.40 -7.97
N GLN A 34 12.25 -14.29 -6.73
CA GLN A 34 12.96 -13.45 -5.75
C GLN A 34 13.26 -12.09 -6.33
N SER A 35 12.26 -11.49 -6.96
CA SER A 35 12.39 -10.18 -7.56
C SER A 35 11.39 -9.20 -6.97
N LEU A 36 11.77 -7.93 -6.92
CA LEU A 36 10.89 -6.89 -6.42
C LEU A 36 10.40 -6.03 -7.57
N LEU A 37 9.22 -5.46 -7.42
CA LEU A 37 8.69 -4.58 -8.43
C LEU A 37 8.35 -3.27 -7.73
N ALA A 38 9.07 -2.22 -8.11
CA ALA A 38 8.92 -0.88 -7.56
C ALA A 38 8.14 0.03 -8.50
N PHE A 39 6.96 0.45 -8.05
CA PHE A 39 6.11 1.33 -8.84
C PHE A 39 6.12 2.72 -8.19
N ALA A 40 5.83 3.74 -8.98
CA ALA A 40 5.80 5.11 -8.46
C ALA A 40 5.16 6.04 -9.46
N GLU A 41 4.63 7.16 -8.96
CA GLU A 41 4.02 8.16 -9.83
C GLU A 41 5.10 9.09 -10.35
N GLN A 42 5.12 9.31 -11.66
CA GLN A 42 6.13 10.18 -12.24
C GLN A 42 5.51 11.47 -12.79
N ARG A 43 6.15 12.61 -12.52
CA ARG A 43 5.66 13.89 -13.00
C ARG A 43 6.81 14.75 -13.52
N ALA A 51 -0.51 14.67 -10.84
CA ALA A 51 0.22 13.47 -11.22
C ALA A 51 0.47 13.43 -12.72
N GLU A 52 0.92 12.28 -13.20
CA GLU A 52 1.18 12.12 -14.63
C GLU A 52 1.16 10.64 -15.04
N LEU A 53 2.26 9.93 -14.81
CA LEU A 53 2.34 8.52 -15.18
C LEU A 53 2.75 7.63 -14.02
N ILE A 54 2.82 6.33 -14.30
CA ILE A 54 3.22 5.34 -13.32
C ILE A 54 4.40 4.58 -13.91
N VAL A 55 5.53 4.65 -13.24
CA VAL A 55 6.75 3.98 -13.69
C VAL A 55 6.97 2.72 -12.89
N LEU A 56 7.90 1.90 -13.37
CA LEU A 56 8.18 0.64 -12.69
C LEU A 56 9.66 0.34 -12.75
N ARG A 57 10.14 -0.43 -11.76
CA ARG A 57 11.53 -0.80 -11.73
C ARG A 57 11.75 -2.13 -11.02
N ARG A 58 12.12 -3.14 -11.80
CA ARG A 58 12.36 -4.48 -11.31
C ARG A 58 13.77 -4.56 -10.76
N GLY A 59 13.92 -5.16 -9.59
CA GLY A 59 15.22 -5.31 -8.96
C GLY A 59 15.40 -6.74 -8.46
N ASP A 60 16.37 -7.43 -9.03
CA ASP A 60 16.64 -8.80 -8.65
C ASP A 60 17.44 -8.88 -7.35
N TYR A 61 16.98 -9.73 -6.44
CA TYR A 61 17.67 -9.92 -5.18
C TYR A 61 18.81 -10.92 -5.35
N ASP A 62 20.03 -10.49 -5.03
CA ASP A 62 21.20 -11.35 -5.12
C ASP A 62 21.55 -11.82 -3.72
N ALA A 63 21.39 -13.12 -3.49
CA ALA A 63 21.66 -13.73 -2.19
C ALA A 63 23.09 -13.55 -1.67
N PRO A 64 24.09 -13.83 -2.52
CA PRO A 64 25.50 -13.70 -2.15
C PRO A 64 25.86 -12.38 -1.47
N THR A 65 25.57 -11.27 -2.15
CA THR A 65 25.86 -9.96 -1.61
C THR A 65 24.74 -9.43 -0.72
N HIS A 66 23.67 -10.22 -0.57
CA HIS A 66 22.53 -9.83 0.24
C HIS A 66 22.04 -8.49 -0.32
N GLN A 67 22.02 -8.41 -1.65
CA GLN A 67 21.61 -7.18 -2.31
C GLN A 67 20.50 -7.33 -3.33
N VAL A 68 20.02 -6.18 -3.79
CA VAL A 68 18.97 -6.13 -4.79
C VAL A 68 19.54 -5.27 -5.92
N GLN A 69 19.76 -5.88 -7.06
CA GLN A 69 20.27 -5.20 -8.24
C GLN A 69 19.08 -4.68 -9.03
N TRP A 70 18.82 -3.38 -8.96
CA TRP A 70 17.69 -2.80 -9.66
C TRP A 70 17.94 -2.57 -11.14
N GLN A 71 17.04 -3.10 -11.96
CA GLN A 71 17.12 -2.95 -13.41
C GLN A 71 16.71 -1.53 -13.78
N ALA A 72 16.70 -1.22 -15.07
CA ALA A 72 16.33 0.13 -15.52
C ALA A 72 14.81 0.37 -15.42
N GLN A 73 14.41 1.57 -15.02
CA GLN A 73 12.98 1.84 -14.89
C GLN A 73 12.31 1.97 -16.24
N GLU A 74 10.98 1.97 -16.22
CA GLU A 74 10.19 2.09 -17.43
C GLU A 74 8.77 2.55 -17.11
N VAL A 75 8.13 3.15 -18.11
CA VAL A 75 6.77 3.65 -17.98
C VAL A 75 5.75 2.55 -18.25
N VAL A 76 4.91 2.29 -17.26
CA VAL A 76 3.83 1.36 -17.46
C VAL A 76 2.85 2.07 -18.38
N ALA A 77 3.19 2.02 -19.66
CA ALA A 77 2.45 2.69 -20.72
C ALA A 77 0.95 2.44 -20.83
N GLN A 78 0.55 1.18 -20.79
CA GLN A 78 -0.88 0.85 -20.89
C GLN A 78 -1.65 1.26 -19.63
N ALA A 79 -0.92 1.51 -18.55
CA ALA A 79 -1.53 1.92 -17.29
C ALA A 79 -2.00 3.36 -17.36
N ARG A 80 -2.85 3.66 -18.33
CA ARG A 80 -3.38 5.01 -18.50
C ARG A 80 -4.65 5.04 -19.34
N LEU A 81 -5.32 6.18 -19.31
CA LEU A 81 -6.54 6.41 -20.06
C LEU A 81 -6.36 7.76 -20.73
N ASP A 82 -6.62 7.82 -22.04
CA ASP A 82 -6.49 9.05 -22.79
C ASP A 82 -7.14 10.24 -22.08
N GLY A 83 -6.37 11.31 -21.92
CA GLY A 83 -6.88 12.51 -21.28
C GLY A 83 -6.92 12.50 -19.76
N HIS A 84 -6.56 11.37 -19.18
CA HIS A 84 -6.57 11.23 -17.73
C HIS A 84 -5.14 11.01 -17.24
N ARG A 85 -4.85 11.47 -16.02
CA ARG A 85 -3.52 11.26 -15.45
C ARG A 85 -3.62 10.09 -14.45
N SER A 86 -2.59 9.25 -14.42
CA SER A 86 -2.56 8.07 -13.55
C SER A 86 -1.98 8.37 -12.17
N MET A 87 -2.56 7.73 -11.15
CA MET A 87 -2.09 7.91 -9.78
C MET A 87 -2.38 6.69 -8.92
N ASN A 88 -1.69 6.65 -7.77
CA ASN A 88 -1.85 5.60 -6.78
C ASN A 88 -1.72 4.18 -7.29
N PRO A 89 -0.48 3.76 -7.60
CA PRO A 89 -0.24 2.40 -8.10
C PRO A 89 -0.46 1.38 -6.97
N CYS A 90 -1.27 0.36 -7.26
CA CYS A 90 -1.57 -0.71 -6.30
C CYS A 90 -1.34 -2.05 -6.96
N PRO A 91 -0.11 -2.58 -6.87
CA PRO A 91 0.23 -3.87 -7.46
C PRO A 91 -0.33 -5.03 -6.64
N LEU A 92 -0.66 -6.12 -7.33
CA LEU A 92 -1.21 -7.29 -6.66
C LEU A 92 -0.84 -8.57 -7.41
N TYR A 93 -0.27 -9.53 -6.70
CA TYR A 93 0.11 -10.77 -7.34
C TYR A 93 -0.75 -11.97 -6.98
N ASP A 94 -1.48 -12.48 -7.96
CA ASP A 94 -2.33 -13.65 -7.78
C ASP A 94 -1.44 -14.89 -7.92
N ALA A 95 -1.08 -15.50 -6.79
CA ALA A 95 -0.23 -16.68 -6.80
C ALA A 95 -0.89 -17.81 -7.56
N GLN A 96 -2.18 -17.97 -7.33
CA GLN A 96 -2.98 -19.00 -7.99
C GLN A 96 -2.73 -19.03 -9.50
N THR A 97 -3.11 -17.94 -10.16
CA THR A 97 -2.99 -17.83 -11.61
C THR A 97 -1.70 -17.19 -12.08
N GLY A 98 -0.85 -16.78 -11.15
CA GLY A 98 0.39 -16.13 -11.54
C GLY A 98 0.13 -14.89 -12.38
N THR A 99 -1.00 -14.23 -12.15
CA THR A 99 -1.32 -13.01 -12.87
C THR A 99 -0.90 -11.82 -12.03
N LEU A 100 -0.37 -10.80 -12.67
CA LEU A 100 0.04 -9.61 -11.93
C LEU A 100 -1.00 -8.53 -12.22
N PHE A 101 -1.47 -7.89 -11.16
CA PHE A 101 -2.48 -6.83 -11.26
C PHE A 101 -1.91 -5.48 -10.86
N LEU A 102 -2.23 -4.44 -11.62
CA LEU A 102 -1.79 -3.10 -11.27
C LEU A 102 -3.00 -2.19 -11.31
N PHE A 103 -3.53 -1.88 -10.13
CA PHE A 103 -4.69 -0.99 -10.03
C PHE A 103 -4.18 0.44 -9.96
N PHE A 104 -5.05 1.38 -10.28
CA PHE A 104 -4.70 2.78 -10.21
C PHE A 104 -5.93 3.64 -10.44
N ILE A 105 -5.74 4.94 -10.25
CA ILE A 105 -6.81 5.89 -10.39
C ILE A 105 -6.54 6.86 -11.54
N ALA A 106 -7.53 7.04 -12.39
CA ALA A 106 -7.42 7.92 -13.54
C ALA A 106 -8.33 9.15 -13.37
N ILE A 107 -7.75 10.34 -13.43
CA ILE A 107 -8.51 11.57 -13.27
C ILE A 107 -8.38 12.52 -14.47
N PRO A 108 -9.52 13.10 -14.92
CA PRO A 108 -9.58 14.01 -16.06
C PRO A 108 -8.54 15.13 -16.03
N GLY A 109 -7.82 15.26 -17.15
CA GLY A 109 -6.78 16.26 -17.35
C GLY A 109 -6.19 17.02 -16.17
N GLN A 110 -6.60 18.27 -16.01
CA GLN A 110 -6.08 19.09 -14.92
C GLN A 110 -6.95 19.04 -13.67
N VAL A 111 -8.13 18.44 -13.76
CA VAL A 111 -9.02 18.35 -12.60
C VAL A 111 -8.26 17.81 -11.38
N THR A 112 -8.58 18.33 -10.20
CA THR A 112 -7.92 17.88 -8.99
C THR A 112 -8.89 17.31 -7.95
N GLU A 113 -8.33 16.83 -6.85
CA GLU A 113 -9.10 16.24 -5.76
C GLU A 113 -10.00 17.29 -5.11
N GLN A 114 -9.43 18.44 -4.78
CA GLN A 114 -10.19 19.52 -4.17
C GLN A 114 -11.29 19.99 -5.12
N GLN A 115 -11.00 19.97 -6.41
CA GLN A 115 -11.98 20.37 -7.41
C GLN A 115 -13.17 19.41 -7.32
N GLN A 116 -12.89 18.12 -7.21
CA GLN A 116 -13.93 17.11 -7.12
C GLN A 116 -14.60 17.15 -5.75
N LEU A 117 -13.81 17.37 -4.70
CA LEU A 117 -14.36 17.43 -3.35
C LEU A 117 -15.29 18.62 -3.21
N GLN A 118 -14.84 19.78 -3.68
CA GLN A 118 -15.66 20.98 -3.60
C GLN A 118 -16.83 20.94 -4.58
N THR A 119 -16.56 20.58 -5.82
CA THR A 119 -17.60 20.49 -6.84
C THR A 119 -18.58 19.32 -6.56
N ARG A 120 -18.10 18.34 -5.80
CA ARG A 120 -18.89 17.17 -5.48
C ARG A 120 -19.23 16.36 -6.73
N ALA A 121 -18.52 16.65 -7.83
CA ALA A 121 -18.73 15.95 -9.10
C ALA A 121 -17.63 14.91 -9.34
N ASN A 122 -17.84 13.69 -8.83
CA ASN A 122 -16.88 12.62 -8.98
C ASN A 122 -16.63 12.36 -10.46
N VAL A 123 -15.37 12.22 -10.84
CA VAL A 123 -15.00 11.97 -12.22
C VAL A 123 -13.78 11.05 -12.23
N THR A 124 -13.37 10.65 -11.03
CA THR A 124 -12.23 9.77 -10.83
C THR A 124 -12.56 8.40 -11.40
N ARG A 125 -11.55 7.67 -11.88
CA ARG A 125 -11.82 6.35 -12.45
C ARG A 125 -10.94 5.23 -11.94
N LEU A 126 -11.57 4.11 -11.60
CA LEU A 126 -10.86 2.94 -11.09
C LEU A 126 -10.38 2.08 -12.25
N CYS A 127 -9.08 1.78 -12.28
CA CYS A 127 -8.53 0.99 -13.38
C CYS A 127 -7.56 -0.09 -12.93
N GLN A 128 -7.22 -0.96 -13.86
CA GLN A 128 -6.28 -2.04 -13.60
C GLN A 128 -5.69 -2.51 -14.94
N VAL A 129 -4.46 -2.97 -14.87
CA VAL A 129 -3.78 -3.54 -16.02
C VAL A 129 -3.17 -4.81 -15.44
N THR A 130 -2.92 -5.81 -16.28
CA THR A 130 -2.33 -7.04 -15.79
C THR A 130 -1.16 -7.49 -16.63
N SER A 131 -0.31 -8.31 -16.04
CA SER A 131 0.84 -8.83 -16.74
C SER A 131 0.97 -10.31 -16.39
N THR A 132 1.23 -11.13 -17.39
CA THR A 132 1.37 -12.56 -17.18
C THR A 132 2.80 -13.01 -17.36
N ASP A 133 3.68 -12.05 -17.63
CA ASP A 133 5.11 -12.31 -17.81
C ASP A 133 5.92 -11.49 -16.82
N HIS A 134 5.31 -11.22 -15.67
CA HIS A 134 5.92 -10.46 -14.59
C HIS A 134 6.10 -8.99 -14.86
N GLY A 135 5.01 -8.30 -15.17
CA GLY A 135 5.10 -6.87 -15.43
C GLY A 135 6.10 -6.45 -16.49
N ARG A 136 6.59 -7.39 -17.29
CA ARG A 136 7.53 -7.03 -18.35
C ARG A 136 6.73 -6.29 -19.43
N THR A 137 5.52 -6.78 -19.68
CA THR A 137 4.60 -6.16 -20.64
C THR A 137 3.23 -6.15 -19.95
N TRP A 138 2.37 -5.22 -20.36
CA TRP A 138 1.06 -5.16 -19.73
C TRP A 138 -0.14 -5.27 -20.66
N SER A 139 -1.24 -5.72 -20.08
CA SER A 139 -2.47 -5.86 -20.82
C SER A 139 -3.02 -4.46 -21.02
N SER A 140 -4.10 -4.35 -21.78
CA SER A 140 -4.71 -3.05 -22.01
C SER A 140 -5.44 -2.65 -20.72
N PRO A 141 -5.72 -1.34 -20.54
CA PRO A 141 -6.41 -0.85 -19.36
C PRO A 141 -7.87 -1.22 -19.34
N ARG A 142 -8.32 -1.69 -18.19
CA ARG A 142 -9.70 -2.10 -18.00
C ARG A 142 -10.34 -1.14 -16.99
N ASP A 143 -11.22 -0.26 -17.45
CA ASP A 143 -11.88 0.71 -16.57
C ASP A 143 -13.04 0.03 -15.86
N LEU A 144 -12.87 -0.28 -14.58
CA LEU A 144 -13.88 -0.99 -13.81
C LEU A 144 -14.81 -0.13 -12.98
N THR A 145 -14.71 1.19 -13.13
CA THR A 145 -15.53 2.12 -12.36
C THR A 145 -17.00 1.72 -12.13
N ASP A 146 -17.82 1.79 -13.17
CA ASP A 146 -19.25 1.48 -13.05
C ASP A 146 -19.55 0.10 -12.47
N ALA A 147 -18.90 -0.92 -13.00
CA ALA A 147 -19.12 -2.29 -12.55
C ALA A 147 -18.75 -2.57 -11.10
N ALA A 148 -17.62 -2.02 -10.65
CA ALA A 148 -17.18 -2.25 -9.29
C ALA A 148 -17.86 -1.35 -8.25
N ILE A 149 -18.09 -0.09 -8.60
CA ILE A 149 -18.70 0.88 -7.69
C ILE A 149 -20.22 0.98 -7.79
N GLY A 150 -20.72 0.92 -9.02
CA GLY A 150 -22.15 1.00 -9.26
C GLY A 150 -22.77 2.35 -8.94
N PRO A 151 -24.08 2.37 -8.61
CA PRO A 151 -24.84 3.58 -8.27
C PRO A 151 -24.13 4.47 -7.25
N ALA A 152 -23.61 3.86 -6.20
CA ALA A 152 -22.91 4.59 -5.15
C ALA A 152 -21.98 5.67 -5.72
N TYR A 153 -21.50 5.46 -6.94
CA TYR A 153 -20.59 6.42 -7.57
C TYR A 153 -21.10 7.87 -7.58
N ARG A 154 -22.43 8.04 -7.54
CA ARG A 154 -23.01 9.39 -7.55
C ARG A 154 -23.06 10.00 -6.15
N GLU A 155 -22.90 9.15 -5.15
CA GLU A 155 -22.90 9.57 -3.75
C GLU A 155 -21.47 9.95 -3.34
N TRP A 156 -20.51 9.60 -4.19
CA TRP A 156 -19.10 9.87 -3.92
C TRP A 156 -18.62 11.11 -4.68
N SER A 157 -17.81 11.93 -4.02
CA SER A 157 -17.26 13.13 -4.66
C SER A 157 -15.97 12.71 -5.36
N THR A 158 -15.39 11.63 -4.84
CA THR A 158 -14.15 11.07 -5.37
C THR A 158 -13.72 9.94 -4.45
N PHE A 159 -12.79 9.11 -4.91
CA PHE A 159 -12.30 7.98 -4.13
C PHE A 159 -10.89 7.64 -4.61
N ALA A 160 -10.27 6.63 -4.00
CA ALA A 160 -8.93 6.20 -4.39
C ALA A 160 -8.58 4.80 -3.88
N VAL A 161 -7.60 4.18 -4.53
CA VAL A 161 -7.12 2.86 -4.15
C VAL A 161 -5.70 3.00 -3.59
N GLY A 162 -5.37 2.18 -2.61
CA GLY A 162 -4.05 2.24 -2.02
C GLY A 162 -3.66 3.63 -1.55
N PRO A 163 -2.46 4.10 -1.91
CA PRO A 163 -1.46 3.41 -2.74
C PRO A 163 -0.78 2.25 -2.01
N GLY A 164 -0.03 1.44 -2.74
CA GLY A 164 0.67 0.33 -2.13
C GLY A 164 0.13 -1.03 -2.49
N HIS A 165 0.84 -2.08 -2.05
CA HIS A 165 0.45 -3.45 -2.34
C HIS A 165 -0.98 -3.81 -1.90
N CYS A 166 -1.64 -4.64 -2.70
CA CYS A 166 -2.99 -5.09 -2.38
C CYS A 166 -2.87 -6.41 -1.63
N LEU A 167 -3.99 -7.08 -1.35
CA LEU A 167 -3.94 -8.33 -0.61
C LEU A 167 -4.77 -9.46 -1.20
N GLN A 168 -4.17 -10.66 -1.21
CA GLN A 168 -4.86 -11.87 -1.66
C GLN A 168 -5.03 -12.71 -0.41
N LEU A 169 -6.22 -13.28 -0.24
CA LEU A 169 -6.55 -14.08 0.92
C LEU A 169 -6.33 -15.58 0.72
N ASN A 170 -6.30 -16.32 1.83
CA ASN A 170 -6.11 -17.77 1.80
C ASN A 170 -7.43 -18.50 1.93
N ASP A 171 -8.51 -17.77 1.72
CA ASP A 171 -9.84 -18.38 1.82
C ASP A 171 -10.08 -19.30 0.63
N ARG A 172 -11.27 -19.90 0.64
CA ARG A 172 -11.71 -20.80 -0.41
C ARG A 172 -11.33 -20.36 -1.83
N ALA A 173 -11.68 -19.13 -2.18
CA ALA A 173 -11.40 -18.59 -3.50
C ALA A 173 -10.05 -17.89 -3.71
N ARG A 174 -9.28 -17.69 -2.64
CA ARG A 174 -8.00 -17.00 -2.78
C ARG A 174 -8.35 -15.59 -3.29
N SER A 175 -9.43 -15.06 -2.75
CA SER A 175 -9.95 -13.75 -3.11
C SER A 175 -8.95 -12.59 -3.16
N LEU A 176 -9.22 -11.66 -4.06
CA LEU A 176 -8.38 -10.48 -4.22
C LEU A 176 -9.02 -9.33 -3.45
N VAL A 177 -8.23 -8.69 -2.61
CA VAL A 177 -8.69 -7.57 -1.80
C VAL A 177 -7.90 -6.33 -2.16
N VAL A 178 -8.61 -5.23 -2.44
CA VAL A 178 -7.93 -3.99 -2.78
C VAL A 178 -8.41 -2.87 -1.89
N PRO A 179 -7.52 -2.34 -1.04
CA PRO A 179 -7.81 -1.25 -0.11
C PRO A 179 -8.13 0.02 -0.88
N ALA A 180 -9.14 0.73 -0.41
CA ALA A 180 -9.58 1.96 -1.05
C ALA A 180 -10.32 2.81 -0.04
N TYR A 181 -10.65 4.03 -0.44
CA TYR A 181 -11.40 4.91 0.45
C TYR A 181 -12.18 5.86 -0.45
N ALA A 182 -13.23 6.46 0.10
CA ALA A 182 -14.02 7.38 -0.69
C ALA A 182 -14.63 8.47 0.16
N TYR A 183 -14.85 9.63 -0.46
CA TYR A 183 -15.48 10.77 0.19
C TYR A 183 -16.96 10.63 -0.14
N ARG A 184 -17.69 10.08 0.81
CA ARG A 184 -19.12 9.82 0.68
C ARG A 184 -19.93 10.99 1.24
N LYS A 185 -21.12 11.20 0.70
CA LYS A 185 -22.01 12.27 1.14
C LYS A 185 -22.93 11.73 2.22
N LEU A 186 -23.40 12.62 3.09
CA LEU A 186 -24.31 12.25 4.18
C LEU A 186 -25.27 13.41 4.46
N ARG A 191 -22.09 16.88 3.60
CA ARG A 191 -20.76 17.33 3.16
C ARG A 191 -19.74 16.18 3.21
N PRO A 192 -19.02 15.95 2.08
CA PRO A 192 -18.00 14.92 1.86
C PRO A 192 -17.15 14.41 3.04
N ILE A 193 -17.40 13.16 3.42
CA ILE A 193 -16.67 12.50 4.50
C ILE A 193 -15.96 11.26 3.94
N PRO A 194 -14.66 11.14 4.19
CA PRO A 194 -13.94 9.97 3.68
C PRO A 194 -14.02 8.73 4.57
N SER A 195 -14.09 7.57 3.92
CA SER A 195 -14.13 6.30 4.62
C SER A 195 -13.34 5.23 3.87
N ALA A 196 -12.76 4.31 4.63
CA ALA A 196 -11.98 3.22 4.09
C ALA A 196 -12.85 2.01 3.82
N PHE A 197 -12.48 1.25 2.80
CA PHE A 197 -13.21 0.05 2.40
C PHE A 197 -12.32 -0.78 1.49
N CYS A 198 -12.87 -1.86 0.92
CA CYS A 198 -12.13 -2.75 0.02
C CYS A 198 -12.96 -3.20 -1.17
N PHE A 199 -12.29 -3.39 -2.30
CA PHE A 199 -12.93 -3.89 -3.52
C PHE A 199 -12.58 -5.38 -3.49
N LEU A 200 -13.58 -6.24 -3.56
CA LEU A 200 -13.31 -7.67 -3.51
C LEU A 200 -13.56 -8.40 -4.80
N SER A 201 -12.71 -9.38 -5.07
CA SER A 201 -12.87 -10.22 -6.25
C SER A 201 -12.70 -11.68 -5.81
N HIS A 202 -13.71 -12.48 -6.06
CA HIS A 202 -13.67 -13.88 -5.67
C HIS A 202 -13.39 -14.78 -6.86
N ASP A 203 -13.14 -14.17 -8.01
CA ASP A 203 -12.87 -14.94 -9.21
C ASP A 203 -11.53 -14.60 -9.83
N HIS A 204 -10.58 -14.17 -9.01
CA HIS A 204 -9.25 -13.83 -9.48
C HIS A 204 -9.25 -12.62 -10.42
N GLY A 205 -9.97 -11.58 -10.00
CA GLY A 205 -10.04 -10.35 -10.79
C GLY A 205 -11.08 -10.37 -11.88
N ARG A 206 -11.71 -11.53 -12.11
CA ARG A 206 -12.73 -11.64 -13.14
C ARG A 206 -13.78 -10.54 -12.95
N THR A 207 -14.36 -10.47 -11.76
CA THR A 207 -15.36 -9.44 -11.47
C THR A 207 -15.07 -8.79 -10.11
N TRP A 208 -15.55 -7.56 -9.96
CA TRP A 208 -15.30 -6.81 -8.74
C TRP A 208 -16.51 -6.27 -7.97
N ALA A 209 -16.64 -6.72 -6.74
CA ALA A 209 -17.71 -6.25 -5.87
C ALA A 209 -17.10 -5.10 -5.05
N ARG A 210 -17.90 -4.48 -4.19
CA ARG A 210 -17.40 -3.37 -3.39
C ARG A 210 -17.79 -3.59 -1.92
N GLY A 211 -16.79 -3.81 -1.07
CA GLY A 211 -17.09 -4.03 0.33
C GLY A 211 -17.65 -2.82 1.03
N HIS A 212 -18.03 -3.00 2.29
CA HIS A 212 -18.61 -1.91 3.09
C HIS A 212 -17.56 -1.01 3.74
N PHE A 213 -18.01 0.19 4.13
CA PHE A 213 -17.15 1.20 4.75
C PHE A 213 -16.86 0.96 6.23
N VAL A 214 -15.87 1.68 6.75
CA VAL A 214 -15.52 1.57 8.16
C VAL A 214 -16.14 2.79 8.87
N ALA A 215 -15.81 3.00 10.13
CA ALA A 215 -16.34 4.16 10.84
C ALA A 215 -15.80 5.42 10.14
N GLN A 216 -16.49 6.53 10.37
CA GLN A 216 -16.13 7.80 9.75
C GLN A 216 -14.63 8.11 9.63
N ASP A 217 -14.34 9.12 8.82
CA ASP A 217 -12.99 9.63 8.55
C ASP A 217 -11.84 8.66 8.52
N THR A 218 -11.60 8.09 7.35
CA THR A 218 -10.52 7.17 7.13
C THR A 218 -10.14 7.33 5.67
N LEU A 219 -8.86 7.58 5.41
CA LEU A 219 -8.37 7.80 4.05
C LEU A 219 -7.61 6.61 3.51
N GLU A 220 -6.45 6.86 2.89
CA GLU A 220 -5.63 5.79 2.33
C GLU A 220 -5.41 4.73 3.38
N CYS A 221 -5.34 3.49 2.96
CA CYS A 221 -5.14 2.39 3.91
C CYS A 221 -4.61 1.14 3.23
N GLN A 222 -4.14 0.21 4.05
CA GLN A 222 -3.65 -1.06 3.54
C GLN A 222 -4.20 -2.18 4.43
N VAL A 223 -4.38 -3.35 3.85
CA VAL A 223 -4.91 -4.50 4.59
C VAL A 223 -3.93 -5.65 4.67
N ALA A 224 -4.01 -6.39 5.77
CA ALA A 224 -3.16 -7.55 6.00
C ALA A 224 -4.03 -8.66 6.58
N GLU A 225 -3.58 -9.90 6.44
CA GLU A 225 -4.34 -11.02 6.96
C GLU A 225 -3.61 -11.59 8.17
N VAL A 226 -4.32 -12.36 8.98
CA VAL A 226 -3.71 -12.97 10.16
C VAL A 226 -4.62 -14.06 10.73
N GLU A 227 -4.02 -15.12 11.25
CA GLU A 227 -4.75 -16.24 11.84
C GLU A 227 -4.75 -16.14 13.37
N GLN A 231 -10.81 -16.95 13.48
CA GLN A 231 -9.69 -17.68 12.89
C GLN A 231 -8.97 -16.90 11.78
N ARG A 232 -9.73 -16.35 10.84
CA ARG A 232 -9.12 -15.60 9.73
C ARG A 232 -9.65 -14.16 9.65
N VAL A 233 -8.88 -13.21 10.16
CA VAL A 233 -9.33 -11.82 10.12
C VAL A 233 -8.42 -10.93 9.28
N VAL A 234 -9.04 -9.96 8.61
CA VAL A 234 -8.31 -9.01 7.79
C VAL A 234 -8.28 -7.71 8.57
N THR A 235 -7.09 -7.28 8.93
CA THR A 235 -6.93 -6.05 9.67
C THR A 235 -6.55 -4.90 8.72
N LEU A 236 -7.22 -3.76 8.89
CA LEU A 236 -7.00 -2.59 8.05
C LEU A 236 -6.41 -1.44 8.86
N ASN A 237 -5.44 -0.77 8.27
CA ASN A 237 -4.78 0.36 8.89
C ASN A 237 -4.91 1.55 7.96
N ALA A 238 -5.68 2.55 8.38
CA ALA A 238 -5.90 3.74 7.55
C ALA A 238 -5.49 5.03 8.24
N ARG A 239 -5.14 6.03 7.43
CA ARG A 239 -4.76 7.35 7.96
C ARG A 239 -6.04 8.09 8.29
N SER A 240 -5.96 8.96 9.29
CA SER A 240 -7.12 9.73 9.69
C SER A 240 -6.71 11.15 9.97
N HIS A 241 -7.69 12.01 10.26
CA HIS A 241 -7.38 13.40 10.55
C HIS A 241 -7.23 13.52 12.04
N LEU A 242 -7.37 12.39 12.72
CA LEU A 242 -7.20 12.37 14.17
C LEU A 242 -5.68 12.34 14.38
N ARG A 243 -5.25 12.31 15.62
CA ARG A 243 -3.82 12.32 15.89
C ARG A 243 -3.24 10.93 15.86
N ALA A 244 -4.01 9.98 15.35
CA ALA A 244 -3.54 8.60 15.30
C ALA A 244 -4.14 7.82 14.15
N ARG A 245 -3.67 6.59 13.99
CA ARG A 245 -4.14 5.69 12.94
C ARG A 245 -5.41 4.98 13.40
N VAL A 246 -6.20 4.55 12.43
CA VAL A 246 -7.43 3.81 12.70
C VAL A 246 -7.21 2.37 12.28
N GLN A 247 -7.56 1.44 13.15
CA GLN A 247 -7.39 0.04 12.81
C GLN A 247 -8.73 -0.67 12.81
N ALA A 248 -9.10 -1.21 11.66
CA ALA A 248 -10.35 -1.92 11.52
C ALA A 248 -10.04 -3.39 11.31
N GLN A 249 -10.95 -4.27 11.77
CA GLN A 249 -10.78 -5.71 11.60
C GLN A 249 -12.03 -6.27 10.96
N SER A 250 -11.83 -7.16 10.00
CA SER A 250 -12.94 -7.82 9.31
C SER A 250 -12.95 -9.33 9.63
N THR A 251 -14.12 -9.87 9.97
CA THR A 251 -14.22 -11.29 10.25
C THR A 251 -14.93 -12.02 9.11
N ASN A 252 -15.34 -11.26 8.10
CA ASN A 252 -16.03 -11.83 6.96
C ASN A 252 -15.28 -11.55 5.65
N ASP A 253 -13.95 -11.50 5.76
CA ASP A 253 -13.05 -11.28 4.63
C ASP A 253 -13.03 -9.93 3.94
N GLY A 254 -13.27 -8.87 4.68
CA GLY A 254 -13.23 -7.54 4.09
C GLY A 254 -14.56 -7.03 3.58
N LEU A 255 -15.57 -7.88 3.61
CA LEU A 255 -16.87 -7.45 3.14
C LEU A 255 -17.39 -6.45 4.15
N ASP A 256 -17.10 -6.73 5.40
CA ASP A 256 -17.50 -5.87 6.51
C ASP A 256 -16.36 -5.82 7.50
N PHE A 257 -16.09 -4.63 8.03
CA PHE A 257 -15.05 -4.44 9.02
C PHE A 257 -15.79 -4.05 10.29
N GLN A 258 -16.32 -5.08 10.96
CA GLN A 258 -17.11 -4.94 12.19
C GLN A 258 -16.47 -4.08 13.28
N GLU A 259 -15.22 -4.38 13.62
CA GLU A 259 -14.51 -3.65 14.67
C GLU A 259 -13.61 -2.54 14.13
N SER A 260 -13.51 -1.46 14.91
CA SER A 260 -12.71 -0.31 14.51
C SER A 260 -12.25 0.50 15.73
N GLN A 261 -10.94 0.64 15.89
CA GLN A 261 -10.39 1.40 17.00
C GLN A 261 -9.32 2.44 16.60
N LEU A 262 -9.11 3.43 17.45
CA LEU A 262 -8.10 4.43 17.18
C LEU A 262 -6.88 3.85 17.91
N VAL A 263 -5.71 3.89 17.26
CA VAL A 263 -4.51 3.35 17.86
C VAL A 263 -3.57 4.47 18.25
N LYS A 264 -3.69 4.91 19.48
CA LYS A 264 -2.90 6.00 20.03
C LYS A 264 -1.38 5.87 19.75
N LYS A 265 -0.80 4.68 19.96
CA LYS A 265 0.64 4.47 19.70
C LYS A 265 1.04 4.79 18.26
N LEU A 266 0.09 4.69 17.33
CA LEU A 266 0.37 4.96 15.93
C LEU A 266 0.00 6.41 15.60
N VAL A 267 0.98 7.30 15.76
CA VAL A 267 0.81 8.72 15.52
C VAL A 267 0.55 9.06 14.05
N GLU A 268 -0.09 10.20 13.83
CA GLU A 268 -0.42 10.71 12.51
C GLU A 268 -0.13 12.20 12.51
N PRO A 269 0.79 12.65 11.64
CA PRO A 269 1.14 14.07 11.55
C PRO A 269 -0.05 15.02 11.34
N PRO A 270 -0.05 16.15 12.09
CA PRO A 270 -1.02 17.24 12.14
C PRO A 270 -1.94 17.49 10.96
N PRO A 271 -1.39 17.93 9.81
CA PRO A 271 -2.24 18.19 8.63
C PRO A 271 -3.50 17.31 8.54
N GLN A 272 -3.40 16.23 7.77
CA GLN A 272 -4.51 15.31 7.58
C GLN A 272 -3.89 13.92 7.59
N GLY A 273 -2.71 13.83 8.22
CA GLY A 273 -2.01 12.56 8.30
C GLY A 273 -1.09 12.29 7.13
N CYS A 274 -0.59 11.05 7.07
CA CYS A 274 0.33 10.62 6.02
C CYS A 274 0.09 9.13 5.81
N GLN A 275 0.13 8.69 4.56
CA GLN A 275 -0.08 7.29 4.26
C GLN A 275 0.91 6.40 5.01
N GLY A 276 0.53 5.16 5.27
CA GLY A 276 1.40 4.24 5.97
C GLY A 276 1.35 2.87 5.30
N SER A 277 2.14 1.93 5.79
CA SER A 277 2.15 0.60 5.21
C SER A 277 2.21 -0.52 6.24
N VAL A 278 1.38 -1.53 6.03
CA VAL A 278 1.33 -2.68 6.92
C VAL A 278 1.29 -4.00 6.15
N ILE A 279 2.14 -4.93 6.57
CA ILE A 279 2.21 -6.25 5.97
C ILE A 279 2.15 -7.27 7.09
N SER A 280 1.89 -8.52 6.71
CA SER A 280 1.85 -9.62 7.65
C SER A 280 2.98 -10.51 7.23
N PHE A 281 3.55 -11.23 8.19
CA PHE A 281 4.64 -12.14 7.87
C PHE A 281 4.64 -13.27 8.88
N PRO A 282 5.34 -14.38 8.56
CA PRO A 282 5.47 -15.59 9.37
C PRO A 282 6.01 -15.34 10.77
N SER A 283 5.19 -15.64 11.77
CA SER A 283 5.58 -15.46 13.16
C SER A 283 6.74 -16.39 13.52
N PRO A 284 7.67 -15.93 14.38
CA PRO A 284 8.78 -16.81 14.74
C PRO A 284 8.27 -17.95 15.62
N ARG A 285 7.23 -17.66 16.39
CA ARG A 285 6.65 -18.66 17.29
C ARG A 285 5.63 -19.55 16.59
N PRO A 291 -0.77 -16.49 17.45
CA PRO A 291 -1.15 -16.18 16.06
C PRO A 291 -0.11 -16.65 15.04
N ALA A 292 -0.59 -17.08 13.88
CA ALA A 292 0.29 -17.56 12.82
C ALA A 292 1.19 -16.45 12.29
N GLN A 293 0.68 -15.22 12.22
CA GLN A 293 1.47 -14.12 11.70
C GLN A 293 1.73 -13.03 12.72
N TRP A 294 2.62 -12.12 12.31
CA TRP A 294 2.98 -10.93 13.06
C TRP A 294 2.79 -9.81 12.05
N LEU A 295 2.68 -8.58 12.53
CA LEU A 295 2.52 -7.46 11.61
C LEU A 295 3.66 -6.47 11.74
N LEU A 296 4.02 -5.87 10.62
CA LEU A 296 5.06 -4.84 10.57
C LEU A 296 4.38 -3.61 9.98
N TYR A 297 4.74 -2.44 10.49
CA TYR A 297 4.12 -1.22 10.04
C TYR A 297 5.09 -0.04 9.96
N THR A 298 5.16 0.58 8.80
CA THR A 298 6.05 1.74 8.64
C THR A 298 5.24 3.02 8.51
N HIS A 299 5.73 4.10 9.10
CA HIS A 299 5.04 5.38 9.07
C HIS A 299 5.94 6.45 9.70
N PRO A 300 5.82 7.72 9.26
CA PRO A 300 6.67 8.73 9.88
C PRO A 300 6.28 8.73 11.35
N THR A 301 7.26 8.84 12.23
CA THR A 301 7.00 8.81 13.67
C THR A 301 7.04 10.18 14.31
N HIS A 302 7.64 11.14 13.61
CA HIS A 302 7.76 12.51 14.10
C HIS A 302 6.40 13.04 14.51
N SER A 303 6.38 13.81 15.58
CA SER A 303 5.16 14.36 16.14
C SER A 303 4.34 15.36 15.33
N TRP A 304 4.98 16.32 14.67
CA TRP A 304 4.19 17.29 13.93
C TRP A 304 4.54 17.43 12.46
N GLN A 305 5.46 16.61 11.98
CA GLN A 305 5.81 16.66 10.57
C GLN A 305 6.10 15.27 10.00
N ARG A 306 6.11 15.18 8.67
CA ARG A 306 6.40 13.91 7.99
C ARG A 306 7.91 13.65 8.01
N ALA A 307 8.39 13.06 9.09
CA ALA A 307 9.80 12.77 9.21
C ALA A 307 10.07 11.61 10.16
N ASP A 308 11.28 11.08 10.11
CA ASP A 308 11.68 9.96 10.98
C ASP A 308 10.83 8.73 10.75
N LEU A 309 10.99 8.11 9.59
CA LEU A 309 10.23 6.89 9.29
C LEU A 309 10.55 5.83 10.33
N GLY A 310 9.52 5.26 10.93
CA GLY A 310 9.74 4.24 11.95
C GLY A 310 9.06 2.94 11.56
N ALA A 311 9.52 1.86 12.17
CA ALA A 311 8.97 0.55 11.92
C ALA A 311 8.33 0.08 13.22
N TYR A 312 7.10 -0.42 13.14
CA TYR A 312 6.38 -0.90 14.32
C TYR A 312 6.08 -2.40 14.20
N LEU A 313 6.14 -3.09 15.34
CA LEU A 313 5.91 -4.53 15.37
C LEU A 313 4.73 -4.91 16.26
N ASN A 314 3.89 -5.81 15.76
CA ASN A 314 2.74 -6.30 16.54
C ASN A 314 2.88 -7.83 16.60
N PRO A 315 3.34 -8.34 17.75
CA PRO A 315 3.54 -9.78 18.00
C PRO A 315 2.33 -10.56 18.50
N ARG A 316 1.18 -9.90 18.64
CA ARG A 316 -0.03 -10.54 19.10
C ARG A 316 -1.18 -9.90 18.33
N PRO A 317 -1.05 -9.84 16.99
CA PRO A 317 -2.09 -9.23 16.14
C PRO A 317 -3.45 -9.90 16.26
N PRO A 318 -4.54 -9.12 16.10
CA PRO A 318 -4.56 -7.68 15.81
C PRO A 318 -4.55 -6.72 17.02
N ALA A 319 -4.47 -7.25 18.23
CA ALA A 319 -4.46 -6.42 19.44
C ALA A 319 -3.67 -5.13 19.22
N PRO A 320 -4.37 -3.97 19.20
CA PRO A 320 -3.69 -2.69 18.99
C PRO A 320 -2.68 -2.37 20.11
N GLU A 321 -3.05 -2.70 21.35
CA GLU A 321 -2.19 -2.44 22.49
C GLU A 321 -0.96 -3.35 22.46
N ALA A 322 -0.87 -4.20 21.44
CA ALA A 322 0.27 -5.10 21.28
C ALA A 322 1.28 -4.44 20.33
N TRP A 323 0.92 -3.27 19.81
CA TRP A 323 1.80 -2.52 18.92
C TRP A 323 3.01 -2.03 19.68
N SER A 324 4.18 -2.34 19.13
CA SER A 324 5.45 -1.93 19.74
C SER A 324 5.69 -0.45 19.58
N GLU A 325 6.81 0.01 20.13
CA GLU A 325 7.22 1.40 20.00
C GLU A 325 7.92 1.39 18.64
N PRO A 326 7.94 2.54 17.95
CA PRO A 326 8.65 2.48 16.65
C PRO A 326 10.16 2.37 16.78
N VAL A 327 10.77 1.78 15.75
CA VAL A 327 12.23 1.63 15.68
C VAL A 327 12.56 2.55 14.52
N LEU A 328 13.55 3.41 14.72
CA LEU A 328 13.92 4.38 13.69
C LEU A 328 14.53 3.77 12.44
N LEU A 329 13.83 3.91 11.31
CA LEU A 329 14.31 3.39 10.02
C LEU A 329 15.17 4.43 9.30
N ALA A 330 14.68 5.67 9.28
CA ALA A 330 15.40 6.75 8.62
C ALA A 330 15.10 8.10 9.28
N LYS A 331 16.15 8.81 9.65
CA LYS A 331 15.99 10.12 10.27
C LYS A 331 15.73 11.14 9.17
N GLY A 332 15.01 12.20 9.49
CA GLY A 332 14.74 13.22 8.50
C GLY A 332 13.40 13.11 7.81
N SER A 333 13.26 13.84 6.70
CA SER A 333 12.03 13.86 5.92
C SER A 333 11.67 12.53 5.30
N CYS A 334 10.57 11.95 5.80
CA CYS A 334 10.10 10.66 5.31
C CYS A 334 8.57 10.72 5.23
N ALA A 335 8.02 10.50 4.05
CA ALA A 335 6.58 10.52 3.89
C ALA A 335 6.02 9.12 3.61
N TYR A 336 5.35 8.96 2.46
CA TYR A 336 4.77 7.68 2.07
C TYR A 336 5.75 6.51 2.10
N SER A 337 5.20 5.30 2.25
CA SER A 337 6.00 4.09 2.29
C SER A 337 5.17 2.87 1.90
N ASP A 338 5.84 1.77 1.58
CA ASP A 338 5.18 0.53 1.22
C ASP A 338 6.13 -0.58 1.60
N LEU A 339 5.63 -1.51 2.41
CA LEU A 339 6.42 -2.65 2.87
C LEU A 339 6.09 -3.92 2.11
N GLN A 340 7.04 -4.85 2.15
CA GLN A 340 6.90 -6.14 1.47
C GLN A 340 7.72 -7.22 2.19
N SER A 341 7.10 -8.34 2.53
CA SER A 341 7.83 -9.42 3.19
C SER A 341 8.62 -10.16 2.10
N MET A 342 9.86 -10.55 2.38
CA MET A 342 10.67 -11.21 1.37
C MET A 342 11.26 -12.57 1.73
N GLY A 343 10.64 -13.26 2.69
CA GLY A 343 11.15 -14.56 3.09
C GLY A 343 12.27 -14.49 4.11
N THR A 344 12.90 -15.62 4.37
CA THR A 344 13.99 -15.69 5.35
C THR A 344 15.20 -14.86 4.93
N GLY A 345 15.72 -14.09 5.88
CA GLY A 345 16.88 -13.25 5.62
C GLY A 345 18.15 -13.96 6.05
N PRO A 346 19.33 -13.44 5.66
CA PRO A 346 20.66 -13.96 5.97
C PRO A 346 20.88 -14.47 7.39
N ASP A 347 20.42 -13.69 8.38
CA ASP A 347 20.57 -14.06 9.79
C ASP A 347 19.50 -15.06 10.20
N GLY A 348 18.81 -15.62 9.22
CA GLY A 348 17.78 -16.61 9.50
C GLY A 348 16.43 -16.07 9.93
N SER A 349 16.34 -14.76 10.14
CA SER A 349 15.10 -14.11 10.56
C SER A 349 14.39 -13.49 9.36
N PRO A 350 13.10 -13.15 9.52
CA PRO A 350 12.31 -12.55 8.44
C PRO A 350 13.01 -11.37 7.78
N LEU A 351 12.93 -11.32 6.44
CA LEU A 351 13.51 -10.27 5.63
C LEU A 351 12.43 -9.34 5.07
N PHE A 352 12.68 -8.04 5.11
CA PHE A 352 11.71 -7.06 4.63
C PHE A 352 12.25 -6.10 3.57
N GLY A 353 11.34 -5.58 2.76
CA GLY A 353 11.71 -4.63 1.75
C GLY A 353 10.86 -3.41 1.96
N CYS A 354 11.48 -2.25 2.13
CA CYS A 354 10.72 -1.04 2.34
C CYS A 354 11.00 0.03 1.30
N LEU A 355 9.93 0.51 0.66
CA LEU A 355 10.00 1.54 -0.36
C LEU A 355 9.37 2.81 0.25
N TYR A 356 10.13 3.88 0.42
CA TYR A 356 9.57 5.09 1.02
C TYR A 356 10.06 6.42 0.44
N GLU A 357 9.23 7.46 0.51
CA GLU A 357 9.58 8.80 0.02
C GLU A 357 10.50 9.49 1.04
N ALA A 358 11.53 10.19 0.55
CA ALA A 358 12.44 10.87 1.45
C ALA A 358 13.00 12.17 0.86
N ASN A 359 13.49 13.04 1.75
CA ASN A 359 14.07 14.33 1.40
C ASN A 359 13.14 15.29 0.68
N ASP A 360 12.02 15.60 1.32
CA ASP A 360 11.08 16.53 0.72
C ASP A 360 10.67 16.01 -0.65
N TYR A 361 10.31 14.73 -0.70
CA TYR A 361 9.86 14.09 -1.94
C TYR A 361 10.84 14.18 -3.11
N GLU A 362 12.13 14.28 -2.81
CA GLU A 362 13.15 14.35 -3.85
C GLU A 362 13.60 12.96 -4.28
N GLU A 363 13.07 11.93 -3.62
CA GLU A 363 13.45 10.56 -3.95
C GLU A 363 12.73 9.46 -3.16
N ILE A 364 12.63 8.29 -3.77
CA ILE A 364 12.01 7.12 -3.14
C ILE A 364 13.15 6.15 -2.86
N VAL A 365 13.42 5.97 -1.57
CA VAL A 365 14.49 5.11 -1.08
C VAL A 365 14.08 3.67 -0.80
N PHE A 366 14.94 2.73 -1.21
CA PHE A 366 14.67 1.33 -0.93
C PHE A 366 15.46 0.93 0.31
N LEU A 367 14.83 0.14 1.16
CA LEU A 367 15.47 -0.28 2.37
C LEU A 367 15.24 -1.78 2.51
N MET A 368 16.26 -2.51 2.90
CA MET A 368 16.11 -3.95 3.08
C MET A 368 16.77 -4.35 4.38
N PHE A 369 15.97 -4.86 5.31
CA PHE A 369 16.46 -5.25 6.62
C PHE A 369 15.70 -6.46 7.15
N THR A 370 16.24 -7.09 8.18
CA THR A 370 15.64 -8.26 8.78
C THR A 370 15.02 -7.98 10.14
N LEU A 371 14.17 -8.91 10.59
CA LEU A 371 13.50 -8.80 11.87
C LEU A 371 14.54 -8.69 12.99
N LYS A 372 15.54 -9.56 12.94
CA LYS A 372 16.62 -9.56 13.94
C LYS A 372 17.37 -8.21 13.95
N GLN A 373 17.43 -7.55 12.80
CA GLN A 373 18.10 -6.26 12.68
C GLN A 373 17.28 -5.10 13.28
N ALA A 374 15.98 -5.11 13.01
CA ALA A 374 15.11 -4.04 13.52
C ALA A 374 14.65 -4.26 14.97
N PHE A 375 14.32 -5.50 15.30
CA PHE A 375 13.82 -5.82 16.63
C PHE A 375 14.59 -6.93 17.35
N PRO A 376 15.87 -6.68 17.68
CA PRO A 376 16.72 -7.66 18.36
C PRO A 376 16.21 -8.10 19.72
N ALA A 377 15.06 -7.58 20.14
CA ALA A 377 14.51 -7.97 21.42
C ALA A 377 13.34 -8.94 21.26
N GLU A 378 12.33 -8.54 20.49
CA GLU A 378 11.17 -9.39 20.25
C GLU A 378 11.46 -10.60 19.35
N TYR A 379 12.73 -10.83 19.04
CA TYR A 379 13.08 -11.95 18.19
C TYR A 379 13.44 -13.22 18.95
#